data_2VQ8
#
_entry.id   2VQ8
#
_cell.length_a   33.155
_cell.length_b   39.426
_cell.length_c   46.126
_cell.angle_alpha   90.00
_cell.angle_beta   98.80
_cell.angle_gamma   90.00
#
_symmetry.space_group_name_H-M   'P 1 21 1'
#
loop_
_entity.id
_entity.type
_entity.pdbx_description
1 polymer 'RNASE ZF-1A'
2 non-polymer 'CHLORIDE ION'
3 water water
#
_entity_poly.entity_id   1
_entity_poly.type   'polypeptide(L)'
_entity_poly.pdbx_seq_one_letter_code
;MGSSHHHHHHMQPEHVKERYKNFLNQHVGPDMSVQRCNSEIGPNNRKITLSGTDNGCKPVNTFILANKRLIKTVCGRAGS
PQGNMVRSNQPFPVVKCVLNNGERHPYCEYRGTRSTRYIVLKCEEGWPVHYHEDEVNVG
;
_entity_poly.pdbx_strand_id   A
#
loop_
_chem_comp.id
_chem_comp.type
_chem_comp.name
_chem_comp.formula
CL non-polymer 'CHLORIDE ION' 'Cl -1'
#
# COMPACT_ATOMS: atom_id res chain seq x y z
N HIS A 10 10.94 12.40 11.69
CA HIS A 10 11.98 11.37 11.39
C HIS A 10 12.13 10.35 12.51
N MET A 11 12.26 10.83 13.76
CA MET A 11 12.18 9.93 14.89
C MET A 11 10.85 9.19 14.82
N GLN A 12 10.88 7.51 15.07
CA GLN A 12 9.73 6.65 15.05
C GLN A 12 9.85 5.72 16.22
N PRO A 13 8.72 5.22 16.75
CA PRO A 13 8.83 4.22 17.81
C PRO A 13 9.49 2.97 17.26
N GLU A 14 10.39 2.37 18.03
CA GLU A 14 11.16 1.21 17.58
C GLU A 14 10.28 0.06 17.05
N HIS A 15 9.17 -0.21 17.72
CA HIS A 15 8.29 -1.33 17.34
C HIS A 15 7.41 -1.02 16.12
N VAL A 16 7.47 0.22 15.65
CA VAL A 16 6.68 0.64 14.50
C VAL A 16 7.55 0.75 13.22
N LYS A 17 8.85 0.96 13.40
CA LYS A 17 9.74 1.33 12.29
C LYS A 17 9.63 0.41 11.08
N GLU A 18 9.73 -0.89 11.29
CA GLU A 18 9.79 -1.81 10.16
C GLU A 18 8.44 -1.94 9.49
N ARG A 19 7.35 -1.97 10.27
CA ARG A 19 6.01 -2.00 9.70
C ARG A 19 5.71 -0.76 8.88
N TYR A 20 6.12 0.39 9.39
CA TYR A 20 5.96 1.64 8.67
C TYR A 20 6.80 1.67 7.38
N LYS A 21 8.05 1.21 7.46
CA LYS A 21 8.91 1.13 6.29
C LYS A 21 8.25 0.29 5.21
N ASN A 22 7.65 -0.82 5.62
CA ASN A 22 7.01 -1.70 4.67
C ASN A 22 5.70 -1.14 4.15
N PHE A 23 5.01 -0.35 4.96
CA PHE A 23 3.81 0.35 4.49
C PHE A 23 4.18 1.35 3.39
N LEU A 24 5.24 2.12 3.62
CA LEU A 24 5.69 3.05 2.59
C LEU A 24 6.03 2.31 1.32
N ASN A 25 6.75 1.21 1.47
CA ASN A 25 7.21 0.48 0.30
C ASN A 25 6.05 -0.12 -0.49
N GLN A 26 5.08 -0.68 0.21
CA GLN A 26 3.96 -1.32 -0.50
C GLN A 26 2.95 -0.32 -1.01
N HIS A 27 2.71 0.74 -0.26
CA HIS A 27 1.48 1.51 -0.47
C HIS A 27 1.62 3.00 -0.72
N VAL A 28 2.82 3.55 -0.60
CA VAL A 28 2.99 4.98 -0.81
C VAL A 28 3.65 5.22 -2.16
N GLY A 29 2.85 5.69 -3.11
CA GLY A 29 3.29 5.81 -4.49
C GLY A 29 2.86 7.12 -5.13
N PRO A 30 3.36 8.25 -4.61
CA PRO A 30 2.99 9.54 -5.18
C PRO A 30 3.30 9.64 -6.68
N ASP A 31 4.33 8.93 -7.14
CA ASP A 31 4.78 9.00 -8.54
C ASP A 31 4.37 7.78 -9.34
N MET A 32 3.48 6.96 -8.78
CA MET A 32 3.10 5.71 -9.41
C MET A 32 2.11 5.98 -10.54
N SER A 33 2.09 5.09 -11.52
CA SER A 33 1.13 5.18 -12.60
C SER A 33 0.58 3.82 -12.94
N VAL A 34 -0.53 3.85 -13.65
CA VAL A 34 -1.36 2.70 -13.90
C VAL A 34 -0.62 1.61 -14.68
N GLN A 35 0.40 1.99 -15.45
CA GLN A 35 1.06 1.02 -16.32
C GLN A 35 2.41 0.54 -15.78
N ARG A 36 2.73 0.86 -14.53
CA ARG A 36 4.02 0.49 -13.98
C ARG A 36 3.96 -0.48 -12.81
N CYS A 37 2.86 -1.22 -12.68
CA CYS A 37 2.76 -2.21 -11.60
C CYS A 37 3.89 -3.23 -11.60
N ASN A 38 4.18 -3.83 -12.77
CA ASN A 38 5.17 -4.89 -12.79
C ASN A 38 6.56 -4.40 -12.43
N SER A 39 6.94 -3.27 -13.04
CA SER A 39 8.26 -2.71 -12.78
C SER A 39 8.40 -2.25 -11.34
N GLU A 40 7.38 -1.58 -10.80
CA GLU A 40 7.47 -1.07 -9.45
C GLU A 40 7.46 -2.17 -8.40
N ILE A 41 6.63 -3.19 -8.60
CA ILE A 41 6.50 -4.28 -7.65
C ILE A 41 7.67 -5.24 -7.74
N GLY A 42 8.29 -5.32 -8.90
CA GLY A 42 9.28 -6.34 -9.17
C GLY A 42 10.64 -6.06 -8.55
N PRO A 43 11.60 -6.98 -8.77
CA PRO A 43 12.88 -6.91 -8.10
C PRO A 43 13.78 -5.73 -8.50
N ASN A 44 13.50 -5.08 -9.62
CA ASN A 44 14.27 -3.91 -10.06
C ASN A 44 13.91 -2.65 -9.28
N ASN A 45 12.77 -2.70 -8.59
CA ASN A 45 12.38 -1.57 -7.76
C ASN A 45 12.03 -1.97 -6.34
N ARG A 46 10.74 -2.10 -6.02
CA ARG A 46 10.35 -2.26 -4.62
C ARG A 46 10.35 -3.70 -4.09
N LYS A 47 10.47 -4.67 -5.00
CA LYS A 47 10.40 -6.09 -4.67
C LYS A 47 9.35 -6.40 -3.60
N ILE A 48 8.12 -6.04 -3.90
CA ILE A 48 6.99 -6.27 -3.01
C ILE A 48 6.59 -7.73 -3.09
N THR A 49 6.46 -8.36 -1.93
CA THR A 49 6.26 -9.81 -1.84
C THR A 49 5.12 -10.15 -0.91
N LEU A 50 4.46 -11.27 -1.18
CA LEU A 50 3.40 -11.77 -0.32
C LEU A 50 3.98 -12.20 1.03
N SER A 51 3.40 -11.64 2.08
CA SER A 51 3.88 -11.88 3.45
C SER A 51 3.90 -13.38 3.77
N GLY A 52 5.02 -13.83 4.32
CA GLY A 52 5.18 -15.24 4.70
C GLY A 52 5.59 -16.18 3.57
N THR A 53 5.91 -15.61 2.40
CA THR A 53 6.27 -16.44 1.26
C THR A 53 7.71 -16.25 0.85
N ASP A 54 8.21 -17.19 0.06
CA ASP A 54 9.48 -17.04 -0.59
C ASP A 54 9.31 -16.39 -1.94
N ASN A 55 9.46 -15.08 -1.97
CA ASN A 55 9.36 -14.27 -3.20
C ASN A 55 8.01 -14.39 -3.90
N GLY A 56 6.96 -14.69 -3.16
CA GLY A 56 5.64 -14.89 -3.77
C GLY A 56 5.01 -13.60 -4.25
N CYS A 57 4.30 -13.68 -5.38
CA CYS A 57 3.58 -12.54 -5.93
C CYS A 57 2.34 -12.25 -5.10
N LYS A 58 2.17 -10.99 -4.68
CA LYS A 58 0.93 -10.60 -4.02
C LYS A 58 -0.23 -10.63 -5.01
N PRO A 59 -1.36 -11.21 -4.62
CA PRO A 59 -2.56 -11.15 -5.47
C PRO A 59 -3.01 -9.72 -5.76
N VAL A 60 -2.84 -8.82 -4.80
CA VAL A 60 -3.23 -7.42 -5.00
C VAL A 60 -2.29 -6.53 -4.21
N ASN A 61 -1.97 -5.36 -4.76
CA ASN A 61 -1.22 -4.36 -4.05
C ASN A 61 -1.62 -2.99 -4.54
N THR A 62 -2.19 -2.21 -3.63
CA THR A 62 -2.64 -0.86 -3.95
C THR A 62 -1.59 0.19 -3.60
N PHE A 63 -1.25 1.02 -4.58
CA PHE A 63 -0.45 2.21 -4.33
C PHE A 63 -1.34 3.43 -4.20
N ILE A 64 -1.19 4.16 -3.09
CA ILE A 64 -1.89 5.42 -2.90
C ILE A 64 -1.07 6.49 -3.58
N LEU A 65 -1.71 7.26 -4.46
CA LEU A 65 -0.98 8.27 -5.24
C LEU A 65 -0.92 9.57 -4.47
N ALA A 66 -0.20 9.51 -3.35
CA ALA A 66 -0.03 10.67 -2.48
C ALA A 66 1.26 10.50 -1.70
N ASN A 67 1.77 11.60 -1.17
CA ASN A 67 3.00 11.51 -0.39
C ASN A 67 2.74 11.03 1.04
N LYS A 68 3.79 10.55 1.68
CA LYS A 68 3.66 9.96 3.02
C LYS A 68 3.14 10.94 4.07
N ARG A 69 3.47 12.22 3.92
CA ARG A 69 3.02 13.22 4.89
C ARG A 69 1.50 13.32 4.89
N LEU A 70 0.91 13.39 3.70
CA LEU A 70 -0.54 13.48 3.60
C LEU A 70 -1.20 12.18 4.07
N ILE A 71 -0.67 11.05 3.66
CA ILE A 71 -1.26 9.78 4.06
C ILE A 71 -1.24 9.59 5.59
N LYS A 72 -0.16 10.00 6.24
CA LYS A 72 -0.06 9.88 7.69
C LYS A 72 -1.20 10.63 8.41
N THR A 73 -1.66 11.74 7.83
CA THR A 73 -2.75 12.49 8.47
C THR A 73 -4.04 11.69 8.60
N VAL A 74 -4.21 10.66 7.78
CA VAL A 74 -5.38 9.77 7.90
C VAL A 74 -5.38 9.06 9.27
N CYS A 75 -4.20 8.88 9.85
CA CYS A 75 -4.08 8.30 11.19
C CYS A 75 -4.48 9.26 12.29
N GLY A 76 -4.65 10.53 11.94
CA GLY A 76 -5.05 11.56 12.90
C GLY A 76 -6.23 12.36 12.37
N ARG A 77 -5.99 13.65 12.15
CA ARG A 77 -7.06 14.61 11.88
C ARG A 77 -7.86 14.36 10.62
N ALA A 78 -7.27 13.67 9.64
CA ALA A 78 -7.90 13.49 8.33
C ALA A 78 -8.54 12.12 8.17
N GLY A 79 -8.72 11.42 9.28
CA GLY A 79 -9.38 10.12 9.28
C GLY A 79 -10.43 10.04 10.37
N SER A 80 -11.28 9.02 10.29
CA SER A 80 -12.27 8.73 11.32
C SER A 80 -12.17 7.27 11.68
N PRO A 81 -12.62 6.90 12.89
CA PRO A 81 -12.41 5.54 13.34
C PRO A 81 -13.29 4.54 12.61
N GLN A 82 -12.69 3.39 12.31
CA GLN A 82 -13.42 2.28 11.74
C GLN A 82 -12.92 1.01 12.43
N GLY A 83 -13.57 0.65 13.52
CA GLY A 83 -13.06 -0.42 14.38
C GLY A 83 -11.73 0.02 14.95
N ASN A 84 -10.72 -0.83 14.81
CA ASN A 84 -9.37 -0.45 15.22
C ASN A 84 -8.54 0.10 14.07
N MET A 85 -9.22 0.36 12.95
CA MET A 85 -8.61 1.00 11.79
C MET A 85 -9.14 2.43 11.65
N VAL A 86 -8.71 3.11 10.60
CA VAL A 86 -9.20 4.46 10.32
C VAL A 86 -9.60 4.55 8.85
N ARG A 87 -10.55 5.42 8.54
CA ARG A 87 -10.99 5.63 7.18
C ARG A 87 -10.77 7.08 6.83
N SER A 88 -10.18 7.35 5.67
CA SER A 88 -9.93 8.74 5.28
C SER A 88 -11.23 9.52 5.17
N ASN A 89 -11.19 10.78 5.57
CA ASN A 89 -12.37 11.64 5.50
C ASN A 89 -12.69 12.08 4.08
N GLN A 90 -11.64 12.14 3.25
CA GLN A 90 -11.78 12.41 1.83
C GLN A 90 -11.12 11.28 1.07
N PRO A 91 -11.55 11.04 -0.18
CA PRO A 91 -10.94 9.96 -0.95
C PRO A 91 -9.55 10.31 -1.47
N PHE A 92 -8.82 9.29 -1.87
CA PHE A 92 -7.50 9.43 -2.45
C PHE A 92 -7.47 8.76 -3.82
N PRO A 93 -6.62 9.27 -4.73
CA PRO A 93 -6.36 8.51 -5.94
C PRO A 93 -5.45 7.33 -5.64
N VAL A 94 -5.76 6.19 -6.22
CA VAL A 94 -4.97 4.98 -6.03
C VAL A 94 -4.76 4.26 -7.36
N VAL A 95 -3.70 3.47 -7.43
CA VAL A 95 -3.53 2.49 -8.50
C VAL A 95 -3.55 1.14 -7.83
N LYS A 96 -4.55 0.33 -8.16
CA LYS A 96 -4.64 -1.03 -7.65
C LYS A 96 -3.98 -1.97 -8.65
N CYS A 97 -2.98 -2.70 -8.20
CA CYS A 97 -2.30 -3.68 -9.03
C CYS A 97 -2.85 -5.06 -8.72
N VAL A 98 -3.48 -5.68 -9.71
CA VAL A 98 -4.09 -6.98 -9.50
C VAL A 98 -3.34 -8.04 -10.30
N LEU A 99 -2.99 -9.15 -9.65
CA LEU A 99 -2.17 -10.18 -10.27
C LEU A 99 -2.82 -10.79 -11.51
N ASN A 100 -2.07 -10.79 -12.62
CA ASN A 100 -2.48 -11.40 -13.88
C ASN A 100 -1.83 -12.75 -14.11
N ASN A 101 -0.57 -12.88 -13.67
CA ASN A 101 0.20 -14.10 -13.92
C ASN A 101 1.39 -14.12 -12.98
N GLY A 102 1.90 -15.31 -12.70
CA GLY A 102 3.13 -15.46 -11.93
C GLY A 102 2.92 -16.01 -10.54
N GLU A 103 3.89 -16.82 -10.11
CA GLU A 103 3.92 -17.35 -8.76
C GLU A 103 4.93 -16.60 -7.91
N ARG A 104 6.13 -16.39 -8.45
CA ARG A 104 7.21 -15.73 -7.72
C ARG A 104 7.95 -14.73 -8.60
N HIS A 105 8.57 -13.75 -7.98
CA HIS A 105 9.50 -12.88 -8.67
C HIS A 105 10.48 -13.78 -9.42
N PRO A 106 10.89 -13.39 -10.63
CA PRO A 106 10.64 -12.14 -11.32
C PRO A 106 9.46 -12.18 -12.29
N TYR A 107 8.52 -13.10 -12.04
CA TYR A 107 7.43 -13.34 -12.98
C TYR A 107 6.08 -12.73 -12.60
N CYS A 108 6.07 -11.86 -11.59
CA CYS A 108 4.80 -11.26 -11.18
C CYS A 108 4.32 -10.23 -12.19
N GLU A 109 3.14 -10.50 -12.76
CA GLU A 109 2.57 -9.62 -13.78
C GLU A 109 1.21 -9.17 -13.31
N TYR A 110 0.93 -7.89 -13.49
CA TYR A 110 -0.25 -7.24 -12.94
C TYR A 110 -0.99 -6.43 -13.97
N ARG A 111 -2.26 -6.19 -13.69
CA ARG A 111 -2.99 -5.11 -14.34
C ARG A 111 -3.22 -4.01 -13.33
N GLY A 112 -2.97 -2.77 -13.73
CA GLY A 112 -3.19 -1.62 -12.88
C GLY A 112 -4.48 -0.91 -13.24
N THR A 113 -5.23 -0.51 -12.22
CA THR A 113 -6.44 0.27 -12.44
C THR A 113 -6.45 1.44 -11.48
N ARG A 114 -6.67 2.63 -12.02
CA ARG A 114 -6.77 3.84 -11.22
C ARG A 114 -8.20 4.05 -10.77
N SER A 115 -8.37 4.45 -9.51
CA SER A 115 -9.66 4.86 -8.99
C SER A 115 -9.47 5.90 -7.90
N THR A 116 -10.58 6.51 -7.52
CA THR A 116 -10.60 7.43 -6.38
C THR A 116 -11.40 6.71 -5.31
N ARG A 117 -10.84 6.60 -4.12
CA ARG A 117 -11.47 5.81 -3.06
C ARG A 117 -11.11 6.27 -1.65
N TYR A 118 -12.02 6.06 -0.71
CA TYR A 118 -11.72 6.24 0.69
C TYR A 118 -10.74 5.15 1.04
N ILE A 119 -9.69 5.51 1.75
CA ILE A 119 -8.67 4.53 2.11
C ILE A 119 -8.81 4.16 3.58
N VAL A 120 -8.70 2.87 3.85
CA VAL A 120 -8.78 2.35 5.20
C VAL A 120 -7.41 1.83 5.58
N LEU A 121 -6.90 2.32 6.71
CA LEU A 121 -5.56 1.99 7.20
C LEU A 121 -5.63 1.46 8.61
N LYS A 122 -4.63 0.68 9.00
CA LYS A 122 -4.38 0.51 10.42
C LYS A 122 -3.16 1.36 10.76
N CYS A 123 -3.25 2.07 11.89
CA CYS A 123 -2.17 2.90 12.38
C CYS A 123 -1.69 2.41 13.74
N GLU A 124 -0.43 2.67 14.03
CA GLU A 124 0.14 2.37 15.34
C GLU A 124 0.90 3.61 15.78
N GLU A 125 0.52 4.15 16.92
CA GLU A 125 1.17 5.33 17.47
C GLU A 125 1.16 6.51 16.48
N GLY A 126 0.12 6.57 15.65
CA GLY A 126 -0.02 7.67 14.70
C GLY A 126 0.61 7.41 13.34
N TRP A 127 1.22 6.24 13.16
CA TRP A 127 1.89 5.89 11.91
C TRP A 127 1.11 4.84 11.15
N PRO A 128 0.96 4.99 9.82
CA PRO A 128 0.26 3.96 9.06
C PRO A 128 1.12 2.70 8.92
N VAL A 129 0.52 1.55 9.23
CA VAL A 129 1.25 0.28 9.18
C VAL A 129 0.58 -0.78 8.30
N HIS A 130 -0.62 -0.47 7.79
CA HIS A 130 -1.38 -1.45 7.00
C HIS A 130 -2.37 -0.72 6.12
N TYR A 131 -2.45 -1.15 4.86
CA TYR A 131 -3.49 -0.70 3.96
C TYR A 131 -4.50 -1.82 3.82
N HIS A 132 -5.77 -1.50 4.02
CA HIS A 132 -6.83 -2.49 3.98
C HIS A 132 -7.33 -2.67 2.54
N GLU A 133 -6.88 -3.74 1.88
CA GLU A 133 -7.31 -4.04 0.52
C GLU A 133 -8.73 -4.57 0.52
N ASP A 134 -9.41 -4.46 -0.61
CA ASP A 134 -10.68 -5.14 -0.79
C ASP A 134 -10.45 -6.65 -0.71
N GLU A 135 -11.47 -7.38 -0.26
CA GLU A 135 -11.40 -8.83 -0.15
C GLU A 135 -11.32 -9.46 -1.54
N VAL A 136 -12.16 -8.96 -2.45
CA VAL A 136 -12.20 -9.43 -3.83
C VAL A 136 -11.71 -8.32 -4.76
N ASN A 137 -10.73 -8.66 -5.59
CA ASN A 137 -10.13 -7.71 -6.52
C ASN A 137 -10.09 -8.26 -7.95
CL CL B . -14.21 8.61 7.23
#